data_6A8S
#
_entry.id   6A8S
#
_cell.length_a   45.791
_cell.length_b   87.049
_cell.length_c   122.164
_cell.angle_alpha   90.00
_cell.angle_beta   90.00
_cell.angle_gamma   90.00
#
_symmetry.space_group_name_H-M   'P 21 21 21'
#
loop_
_entity.id
_entity.type
_entity.pdbx_description
1 polymer 'Putative amino acid-binding periplasmic ABC transporter protein'
2 non-polymer 'SULFATE ION'
3 non-polymer 1,2-ETHANEDIOL
4 non-polymer 2-AMINO-2-HYDROXYMETHYL-PROPANE-1,3-DIOL
5 non-polymer 'ACETATE ION'
6 non-polymer GLYCEROL
7 non-polymer CYSTEINE
8 water water
#
_entity_poly.entity_id   1
_entity_poly.type   'polypeptide(L)'
_entity_poly.pdbx_seq_one_letter_code
;MFRTEDQSALRVGTDGIYPPHSFHAQDGRGELTGFDIDLIKEVAHRLNLKVEFFETAVSGLITGLDTNRYDVLVNVAITP
ERQKKYDFSIPYIAHRVLLVVRSDQQDIRSFKDLTDKTVAQILGTDLSRFAKELKSHLVFSHNFEQSLQLLLSKRTDATM
IPDIPFFNFLERRPHDGNLFKIADRMKDNSAVAFMMRKGNNKLTRSINEILCAIHLDGTYKKIFDRYFDKNIISSVPGCS
S
;
_entity_poly.pdbx_strand_id   A,B
#
loop_
_chem_comp.id
_chem_comp.type
_chem_comp.name
_chem_comp.formula
ACT non-polymer 'ACETATE ION' 'C2 H3 O2 -1'
EDO non-polymer 1,2-ETHANEDIOL 'C2 H6 O2'
GOL non-polymer GLYCEROL 'C3 H8 O3'
SO4 non-polymer 'SULFATE ION' 'O4 S -2'
TRS non-polymer 2-AMINO-2-HYDROXYMETHYL-PROPANE-1,3-DIOL 'C4 H12 N O3 1'
#
# COMPACT_ATOMS: atom_id res chain seq x y z
N SER A 8 21.63 14.43 -14.78
CA SER A 8 20.35 14.38 -15.50
C SER A 8 19.20 14.87 -14.61
N ALA A 9 18.08 15.24 -15.23
CA ALA A 9 16.97 15.86 -14.53
C ALA A 9 15.75 14.93 -14.48
N LEU A 10 15.09 14.91 -13.32
CA LEU A 10 13.82 14.23 -13.18
C LEU A 10 12.71 15.23 -13.51
N ARG A 11 12.02 15.00 -14.63
CA ARG A 11 10.99 15.93 -15.12
C ARG A 11 9.62 15.49 -14.61
N VAL A 12 8.93 16.40 -13.93
CA VAL A 12 7.68 16.08 -13.24
C VAL A 12 6.59 17.01 -13.76
N GLY A 13 5.47 16.42 -14.15
CA GLY A 13 4.30 17.18 -14.57
C GLY A 13 3.28 17.22 -13.46
N THR A 14 2.69 18.39 -13.26
CA THR A 14 1.63 18.57 -12.27
C THR A 14 0.82 19.79 -12.69
N ASP A 15 -0.23 20.09 -11.94
CA ASP A 15 -0.95 21.36 -12.07
C ASP A 15 -0.98 22.00 -10.68
N GLY A 16 -0.30 23.13 -10.53
CA GLY A 16 -0.15 23.73 -9.22
C GLY A 16 -1.35 24.53 -8.71
N ILE A 17 -2.56 23.99 -8.83
CA ILE A 17 -3.74 24.65 -8.28
C ILE A 17 -4.55 23.63 -7.49
N TYR A 18 -3.86 22.65 -6.89
CA TYR A 18 -4.51 21.56 -6.15
C TYR A 18 -3.89 21.41 -4.76
N PRO A 19 -4.09 22.39 -3.89
CA PRO A 19 -3.68 22.21 -2.48
C PRO A 19 -4.42 21.02 -1.88
N PRO A 20 -3.77 20.23 -1.01
CA PRO A 20 -2.41 20.32 -0.49
C PRO A 20 -1.39 19.55 -1.33
N HIS A 21 -1.85 18.98 -2.44
CA HIS A 21 -0.98 18.16 -3.29
C HIS A 21 0.10 19.01 -3.95
N SER A 22 -0.33 20.04 -4.66
CA SER A 22 0.52 20.77 -5.60
C SER A 22 -0.09 22.16 -5.70
N PHE A 23 0.66 23.17 -5.26
CA PHE A 23 0.10 24.50 -5.20
C PHE A 23 1.26 25.46 -4.99
N HIS A 24 1.01 26.73 -5.21
CA HIS A 24 2.04 27.74 -5.09
C HIS A 24 1.88 28.47 -3.78
N ALA A 25 2.99 28.63 -3.06
CA ALA A 25 2.96 29.31 -1.77
C ALA A 25 2.54 30.78 -1.94
N GLN A 26 2.31 31.45 -0.81
CA GLN A 26 2.00 32.87 -0.81
C GLN A 26 0.73 33.17 -1.61
N ASP A 27 -0.36 32.49 -1.22
CA ASP A 27 -1.66 32.64 -1.87
C ASP A 27 -1.55 32.51 -3.39
N GLY A 28 -0.84 31.48 -3.83
CA GLY A 28 -0.74 31.17 -5.24
C GLY A 28 0.28 31.95 -6.04
N ARG A 29 1.19 32.69 -5.38
CA ARG A 29 2.12 33.57 -6.09
C ARG A 29 3.58 33.16 -5.96
N GLY A 30 3.94 32.31 -5.01
CA GLY A 30 5.30 31.92 -4.77
C GLY A 30 5.65 30.58 -5.40
N GLU A 31 6.66 29.93 -4.82
CA GLU A 31 7.17 28.69 -5.39
C GLU A 31 6.16 27.55 -5.22
N LEU A 32 6.31 26.53 -6.06
CA LEU A 32 5.47 25.34 -5.99
C LEU A 32 5.81 24.53 -4.75
N THR A 33 4.77 24.05 -4.07
CA THR A 33 4.95 23.32 -2.81
C THR A 33 3.81 22.31 -2.70
N GLY A 34 3.83 21.51 -1.65
CA GLY A 34 2.79 20.53 -1.42
C GLY A 34 3.34 19.15 -1.11
N PHE A 35 2.43 18.28 -0.69
CA PHE A 35 2.80 16.94 -0.24
C PHE A 35 3.47 16.15 -1.35
N ASP A 36 2.77 16.00 -2.48
CA ASP A 36 3.34 15.24 -3.59
C ASP A 36 4.55 15.96 -4.16
N ILE A 37 4.53 17.30 -4.15
CA ILE A 37 5.69 18.07 -4.62
C ILE A 37 6.88 17.81 -3.70
N ASP A 38 6.68 17.97 -2.39
CA ASP A 38 7.77 17.72 -1.44
C ASP A 38 8.26 16.30 -1.53
N LEU A 39 7.34 15.34 -1.72
CA LEU A 39 7.74 13.94 -1.73
C LEU A 39 8.60 13.64 -2.95
N ILE A 40 8.18 14.07 -4.15
CA ILE A 40 8.95 13.73 -5.34
C ILE A 40 10.30 14.45 -5.33
N LYS A 41 10.37 15.64 -4.73
CA LYS A 41 11.66 16.32 -4.59
C LYS A 41 12.59 15.56 -3.66
N GLU A 42 12.05 15.00 -2.58
CA GLU A 42 12.89 14.20 -1.68
C GLU A 42 13.31 12.91 -2.36
N VAL A 43 12.41 12.32 -3.15
CA VAL A 43 12.77 11.18 -3.98
C VAL A 43 13.90 11.55 -4.95
N ALA A 44 13.81 12.72 -5.58
CA ALA A 44 14.80 13.12 -6.58
C ALA A 44 16.15 13.43 -5.94
N HIS A 45 16.15 14.21 -4.86
CA HIS A 45 17.38 14.48 -4.12
C HIS A 45 18.08 13.18 -3.75
N ARG A 46 17.34 12.23 -3.20
CA ARG A 46 17.94 10.97 -2.78
C ARG A 46 18.42 10.12 -3.95
N LEU A 47 17.89 10.34 -5.15
CA LEU A 47 18.44 9.70 -6.35
C LEU A 47 19.50 10.55 -7.02
N ASN A 48 19.96 11.62 -6.37
CA ASN A 48 20.98 12.52 -6.91
C ASN A 48 20.57 13.07 -8.27
N LEU A 49 19.28 13.35 -8.43
CA LEU A 49 18.75 14.00 -9.61
C LEU A 49 18.23 15.38 -9.27
N LYS A 50 18.37 16.30 -10.21
CA LYS A 50 17.67 17.57 -10.05
C LYS A 50 16.28 17.42 -10.64
N VAL A 51 15.33 18.16 -10.09
CA VAL A 51 13.94 18.01 -10.46
C VAL A 51 13.52 19.22 -11.28
N GLU A 52 12.79 18.98 -12.37
CA GLU A 52 12.17 20.03 -13.15
C GLU A 52 10.65 19.83 -13.16
N PHE A 53 9.93 20.87 -12.77
CA PHE A 53 8.48 20.81 -12.81
C PHE A 53 7.95 21.50 -14.05
N PHE A 54 6.80 21.02 -14.52
CA PHE A 54 6.07 21.56 -15.66
C PHE A 54 4.60 21.56 -15.27
N GLU A 55 3.90 22.67 -15.46
CA GLU A 55 2.51 22.75 -15.04
C GLU A 55 1.60 22.75 -16.26
N THR A 56 0.61 21.87 -16.23
CA THR A 56 -0.39 21.76 -17.27
C THR A 56 -1.73 21.54 -16.60
N ALA A 57 -2.79 22.07 -17.21
CA ALA A 57 -4.15 21.70 -16.85
C ALA A 57 -4.28 20.18 -16.82
N VAL A 58 -5.13 19.69 -15.91
CA VAL A 58 -5.18 18.25 -15.66
C VAL A 58 -5.49 17.50 -16.94
N SER A 59 -6.37 18.04 -17.78
CA SER A 59 -6.83 17.29 -18.95
C SER A 59 -5.69 16.95 -19.91
N GLY A 60 -4.52 17.57 -19.76
CA GLY A 60 -3.41 17.30 -20.65
C GLY A 60 -2.17 16.77 -19.97
N LEU A 61 -2.30 16.42 -18.68
CA LEU A 61 -1.14 15.90 -17.96
C LEU A 61 -0.68 14.56 -18.55
N ILE A 62 -1.62 13.68 -18.86
CA ILE A 62 -1.23 12.38 -19.38
C ILE A 62 -0.68 12.52 -20.80
N THR A 63 -1.19 13.48 -21.58
CA THR A 63 -0.66 13.68 -22.93
C THR A 63 0.82 14.04 -22.88
N GLY A 64 1.19 14.96 -21.97
CA GLY A 64 2.60 15.33 -21.83
C GLY A 64 3.48 14.18 -21.42
N LEU A 65 2.92 13.23 -20.67
CA LEU A 65 3.63 11.98 -20.36
C LEU A 65 3.83 11.15 -21.62
N ASP A 66 2.75 10.92 -22.36
CA ASP A 66 2.83 10.16 -23.61
C ASP A 66 3.81 10.75 -24.61
N THR A 67 3.99 12.07 -24.63
CA THR A 67 4.82 12.70 -25.64
C THR A 67 6.20 13.08 -25.13
N ASN A 68 6.55 12.66 -23.92
CA ASN A 68 7.91 12.78 -23.39
C ASN A 68 8.28 14.22 -23.05
N ARG A 69 7.29 15.08 -22.76
CA ARG A 69 7.62 16.37 -22.20
C ARG A 69 8.00 16.28 -20.73
N TYR A 70 7.63 15.20 -20.05
CA TYR A 70 8.09 14.93 -18.70
C TYR A 70 7.97 13.44 -18.43
N ASP A 71 8.53 13.01 -17.30
CA ASP A 71 8.72 11.61 -16.98
C ASP A 71 7.81 11.08 -15.88
N VAL A 72 7.36 11.92 -14.95
CA VAL A 72 6.64 11.50 -13.75
C VAL A 72 5.41 12.37 -13.59
N LEU A 73 4.26 11.74 -13.37
CA LEU A 73 3.06 12.43 -12.91
C LEU A 73 2.83 12.09 -11.44
N VAL A 74 2.38 13.07 -10.66
CA VAL A 74 2.19 12.88 -9.25
C VAL A 74 0.71 12.67 -8.97
N ASN A 75 0.42 12.09 -7.81
CA ASN A 75 -0.94 12.01 -7.29
C ASN A 75 -1.89 11.39 -8.31
N VAL A 76 -1.51 10.22 -8.82
CA VAL A 76 -2.29 9.51 -9.84
C VAL A 76 -2.93 8.31 -9.18
N ALA A 77 -4.25 8.23 -9.24
CA ALA A 77 -4.96 7.07 -8.72
C ALA A 77 -4.76 5.86 -9.62
N ILE A 78 -4.49 4.72 -9.01
CA ILE A 78 -4.18 3.50 -9.76
C ILE A 78 -5.48 2.88 -10.24
N THR A 79 -5.56 2.58 -11.53
CA THR A 79 -6.73 1.95 -12.11
C THR A 79 -6.28 0.79 -13.00
N PRO A 80 -7.17 -0.15 -13.33
CA PRO A 80 -6.76 -1.26 -14.20
C PRO A 80 -6.26 -0.80 -15.56
N GLU A 81 -6.93 0.20 -16.15
N GLU A 81 -6.93 0.20 -16.15
CA GLU A 81 -6.51 0.68 -17.46
CA GLU A 81 -6.52 0.69 -17.45
C GLU A 81 -5.18 1.40 -17.39
C GLU A 81 -5.17 1.38 -17.38
N ARG A 82 -4.93 2.13 -16.31
CA ARG A 82 -3.66 2.85 -16.20
C ARG A 82 -2.49 1.90 -15.96
N GLN A 83 -2.70 0.87 -15.12
N GLN A 83 -2.68 0.88 -15.12
CA GLN A 83 -1.66 -0.15 -14.90
CA GLN A 83 -1.61 -0.10 -14.95
C GLN A 83 -1.38 -0.93 -16.18
C GLN A 83 -1.35 -0.85 -16.25
N LYS A 84 -2.38 -1.04 -17.07
CA LYS A 84 -2.17 -1.66 -18.38
C LYS A 84 -1.28 -0.81 -19.29
N LYS A 85 -1.34 0.51 -19.18
CA LYS A 85 -0.70 1.39 -20.17
C LYS A 85 0.51 2.14 -19.66
N TYR A 86 0.72 2.20 -18.34
CA TYR A 86 1.81 2.97 -17.77
C TYR A 86 2.43 2.14 -16.65
N ASP A 87 3.59 2.61 -16.16
CA ASP A 87 4.21 2.09 -14.96
C ASP A 87 3.82 2.94 -13.75
N PHE A 88 3.73 2.30 -12.59
CA PHE A 88 3.34 2.98 -11.35
C PHE A 88 4.41 2.74 -10.31
N SER A 89 4.69 3.74 -9.50
CA SER A 89 5.49 3.49 -8.33
C SER A 89 4.67 2.67 -7.33
N ILE A 90 5.29 2.26 -6.25
CA ILE A 90 4.51 1.70 -5.15
C ILE A 90 3.58 2.81 -4.67
N PRO A 91 2.35 2.49 -4.23
CA PRO A 91 1.47 3.56 -3.71
C PRO A 91 2.15 4.27 -2.54
N TYR A 92 1.97 5.59 -2.46
CA TYR A 92 2.56 6.37 -1.37
C TYR A 92 1.53 7.11 -0.54
N ILE A 93 0.25 7.05 -0.90
CA ILE A 93 -0.83 7.64 -0.14
C ILE A 93 -2.11 6.98 -0.64
N ALA A 94 -3.22 7.17 0.07
CA ALA A 94 -4.50 6.69 -0.42
C ALA A 94 -5.54 7.78 -0.17
N HIS A 95 -6.45 7.96 -1.11
CA HIS A 95 -7.56 8.87 -0.86
C HIS A 95 -8.87 8.09 -0.88
N ARG A 96 -9.92 8.76 -0.41
CA ARG A 96 -11.26 8.19 -0.42
C ARG A 96 -12.19 9.17 -1.09
N VAL A 97 -12.94 8.70 -2.08
CA VAL A 97 -13.78 9.58 -2.89
C VAL A 97 -15.07 9.87 -2.14
N LEU A 98 -15.36 11.15 -1.96
CA LEU A 98 -16.56 11.60 -1.29
C LEU A 98 -17.57 12.16 -2.29
N LEU A 99 -18.84 11.96 -1.98
CA LEU A 99 -19.95 12.66 -2.64
C LEU A 99 -20.31 13.86 -1.77
N VAL A 100 -20.00 15.08 -2.23
CA VAL A 100 -20.23 16.30 -1.46
C VAL A 100 -21.38 17.09 -2.06
N VAL A 101 -22.33 17.51 -1.20
CA VAL A 101 -23.50 18.31 -1.57
C VAL A 101 -23.59 19.50 -0.61
N ARG A 102 -24.52 20.41 -0.89
CA ARG A 102 -24.75 21.48 0.07
C ARG A 102 -25.35 20.89 1.34
N SER A 103 -25.15 21.58 2.47
CA SER A 103 -25.58 21.01 3.74
C SER A 103 -27.09 20.76 3.80
N ASP A 104 -27.89 21.55 3.10
CA ASP A 104 -29.35 21.39 3.13
C ASP A 104 -29.89 20.52 1.99
N GLN A 105 -29.01 19.94 1.18
CA GLN A 105 -29.45 19.06 0.09
C GLN A 105 -30.11 17.80 0.66
N GLN A 106 -31.22 17.39 0.05
CA GLN A 106 -31.99 16.29 0.59
C GLN A 106 -32.17 15.11 -0.36
N ASP A 107 -32.11 15.33 -1.66
CA ASP A 107 -32.46 14.28 -2.60
C ASP A 107 -31.27 13.42 -3.04
N ILE A 108 -30.09 13.60 -2.48
CA ILE A 108 -28.90 12.85 -2.91
C ILE A 108 -28.30 12.15 -1.71
N ARG A 109 -28.44 10.83 -1.66
CA ARG A 109 -27.96 10.04 -0.55
C ARG A 109 -26.92 9.00 -0.94
N SER A 110 -26.71 8.80 -2.23
CA SER A 110 -25.77 7.79 -2.71
C SER A 110 -25.26 8.24 -4.08
N PHE A 111 -24.24 7.55 -4.58
CA PHE A 111 -23.71 7.88 -5.89
C PHE A 111 -24.76 7.61 -6.97
N LYS A 112 -25.54 6.55 -6.82
CA LYS A 112 -26.58 6.26 -7.81
C LYS A 112 -27.61 7.38 -7.91
N ASP A 113 -27.76 8.21 -6.86
CA ASP A 113 -28.68 9.33 -6.92
C ASP A 113 -28.23 10.44 -7.86
N LEU A 114 -27.03 10.34 -8.41
CA LEU A 114 -26.49 11.43 -9.22
C LEU A 114 -27.02 11.41 -10.64
N THR A 115 -27.63 10.31 -11.07
CA THR A 115 -28.30 10.31 -12.36
C THR A 115 -29.32 11.43 -12.40
N ASP A 116 -29.34 12.18 -13.49
CA ASP A 116 -30.26 13.29 -13.72
C ASP A 116 -30.02 14.48 -12.78
N LYS A 117 -28.89 14.52 -12.09
CA LYS A 117 -28.49 15.66 -11.28
C LYS A 117 -27.31 16.36 -11.94
N THR A 118 -27.06 17.59 -11.52
N THR A 118 -27.09 17.60 -11.55
CA THR A 118 -25.95 18.38 -12.04
CA THR A 118 -25.95 18.37 -12.01
C THR A 118 -24.77 18.25 -11.08
C THR A 118 -24.79 18.15 -11.06
N VAL A 119 -23.61 17.86 -11.61
CA VAL A 119 -22.41 17.68 -10.80
C VAL A 119 -21.24 18.41 -11.43
N ALA A 120 -20.36 18.93 -10.58
CA ALA A 120 -19.14 19.61 -10.99
C ALA A 120 -17.98 18.63 -10.93
N GLN A 121 -17.28 18.48 -12.06
CA GLN A 121 -16.11 17.61 -12.11
C GLN A 121 -15.08 18.24 -13.02
N ILE A 122 -13.82 17.79 -12.89
CA ILE A 122 -12.74 18.35 -13.70
C ILE A 122 -12.66 17.54 -14.99
N LEU A 123 -12.75 18.22 -16.13
CA LEU A 123 -12.68 17.55 -17.42
C LEU A 123 -11.39 16.77 -17.56
N GLY A 124 -11.48 15.59 -18.17
CA GLY A 124 -10.33 14.72 -18.32
C GLY A 124 -9.99 13.87 -17.12
N THR A 125 -10.84 13.82 -16.10
CA THR A 125 -10.59 12.95 -14.95
C THR A 125 -11.54 11.75 -14.96
N ASP A 126 -11.13 10.67 -14.28
CA ASP A 126 -11.99 9.50 -14.13
C ASP A 126 -13.28 9.82 -13.39
N LEU A 127 -13.22 10.71 -12.40
CA LEU A 127 -14.45 11.08 -11.71
C LEU A 127 -15.41 11.77 -12.68
N SER A 128 -14.88 12.56 -13.61
N SER A 128 -14.90 12.55 -13.62
CA SER A 128 -15.71 13.14 -14.66
CA SER A 128 -15.78 13.12 -14.64
C SER A 128 -16.36 12.04 -15.50
C SER A 128 -16.39 12.02 -15.49
N ARG A 129 -15.58 11.02 -15.86
CA ARG A 129 -16.10 9.91 -16.66
C ARG A 129 -17.14 9.12 -15.88
N PHE A 130 -16.87 8.87 -14.61
CA PHE A 130 -17.85 8.22 -13.76
C PHE A 130 -19.14 9.02 -13.72
N ALA A 131 -19.01 10.33 -13.45
CA ALA A 131 -20.16 11.23 -13.48
C ALA A 131 -20.91 11.13 -14.80
N LYS A 132 -20.18 11.11 -15.93
CA LYS A 132 -20.84 11.00 -17.23
C LYS A 132 -21.56 9.66 -17.38
N GLU A 133 -20.95 8.57 -16.91
CA GLU A 133 -21.57 7.25 -17.01
C GLU A 133 -22.83 7.13 -16.15
N LEU A 134 -22.87 7.82 -15.01
CA LEU A 134 -24.09 7.87 -14.22
C LEU A 134 -25.20 8.66 -14.89
N LYS A 135 -24.93 9.28 -16.04
CA LYS A 135 -25.90 10.16 -16.69
C LYS A 135 -26.23 11.37 -15.81
N SER A 136 -25.21 11.90 -15.13
CA SER A 136 -25.32 13.22 -14.52
C SER A 136 -25.18 14.29 -15.59
N HIS A 137 -25.48 15.54 -15.22
CA HIS A 137 -25.29 16.69 -16.11
C HIS A 137 -24.03 17.43 -15.66
N LEU A 138 -22.99 17.35 -16.47
CA LEU A 138 -21.66 17.78 -16.08
C LEU A 138 -21.47 19.28 -16.24
N VAL A 139 -20.90 19.91 -15.22
CA VAL A 139 -20.32 21.24 -15.34
C VAL A 139 -18.84 21.10 -15.05
N PHE A 140 -18.00 21.47 -16.02
CA PHE A 140 -16.56 21.24 -15.91
C PHE A 140 -15.91 22.38 -15.14
N SER A 141 -15.43 22.09 -13.94
CA SER A 141 -14.68 23.05 -13.15
C SER A 141 -13.20 22.94 -13.49
N HIS A 142 -12.43 23.92 -13.02
CA HIS A 142 -11.00 23.93 -13.31
C HIS A 142 -10.14 23.35 -12.19
N ASN A 143 -10.72 23.13 -11.01
CA ASN A 143 -10.02 22.40 -9.95
C ASN A 143 -11.04 22.09 -8.87
N PHE A 144 -10.58 21.45 -7.79
CA PHE A 144 -11.47 21.12 -6.69
C PHE A 144 -12.01 22.36 -6.01
N GLU A 145 -11.20 23.43 -5.92
N GLU A 145 -11.20 23.43 -5.93
CA GLU A 145 -11.70 24.64 -5.30
CA GLU A 145 -11.66 24.66 -5.31
C GLU A 145 -12.90 25.17 -6.05
C GLU A 145 -12.87 25.22 -6.05
N GLN A 146 -12.81 25.24 -7.38
CA GLN A 146 -13.94 25.71 -8.17
C GLN A 146 -15.12 24.75 -8.09
N SER A 147 -14.86 23.44 -8.01
CA SER A 147 -15.97 22.48 -7.90
C SER A 147 -16.82 22.76 -6.66
N LEU A 148 -16.17 23.09 -5.54
CA LEU A 148 -16.96 23.45 -4.36
C LEU A 148 -17.65 24.80 -4.53
N GLN A 149 -16.98 25.76 -5.19
CA GLN A 149 -17.63 27.05 -5.44
C GLN A 149 -18.85 26.89 -6.34
N LEU A 150 -18.75 26.05 -7.37
CA LEU A 150 -19.91 25.81 -8.22
C LEU A 150 -21.05 25.20 -7.43
N LEU A 151 -20.72 24.36 -6.45
CA LEU A 151 -21.72 23.76 -5.57
C LEU A 151 -22.40 24.81 -4.71
N LEU A 152 -21.64 25.77 -4.18
CA LEU A 152 -22.20 26.81 -3.34
C LEU A 152 -23.14 27.71 -4.12
N SER A 153 -22.75 28.07 -5.35
CA SER A 153 -23.52 28.99 -6.17
C SER A 153 -24.77 28.36 -6.73
N LYS A 154 -24.93 27.04 -6.61
CA LYS A 154 -26.05 26.25 -7.07
C LYS A 154 -26.03 26.07 -8.59
N ARG A 155 -24.92 26.38 -9.25
CA ARG A 155 -24.75 25.92 -10.63
C ARG A 155 -24.81 24.40 -10.71
N THR A 156 -24.33 23.71 -9.68
CA THR A 156 -24.40 22.25 -9.61
C THR A 156 -24.96 21.87 -8.26
N ASP A 157 -25.48 20.64 -8.19
CA ASP A 157 -26.03 20.13 -6.95
C ASP A 157 -25.12 19.14 -6.24
N ALA A 158 -24.01 18.73 -6.86
CA ALA A 158 -23.06 17.84 -6.18
C ALA A 158 -21.68 17.96 -6.83
N THR A 159 -20.68 17.44 -6.12
CA THR A 159 -19.36 17.21 -6.71
C THR A 159 -18.74 16.01 -5.99
N MET A 160 -18.21 15.07 -6.77
CA MET A 160 -17.43 13.95 -6.25
C MET A 160 -15.99 14.40 -6.16
N ILE A 161 -15.42 14.30 -4.96
CA ILE A 161 -14.12 14.87 -4.66
C ILE A 161 -13.44 13.93 -3.68
N PRO A 162 -12.12 13.70 -3.77
CA PRO A 162 -11.44 12.87 -2.76
C PRO A 162 -11.27 13.59 -1.44
N ASP A 163 -11.14 12.80 -0.37
CA ASP A 163 -11.13 13.34 0.99
C ASP A 163 -9.99 14.34 1.20
N ILE A 164 -8.81 14.07 0.64
CA ILE A 164 -7.64 14.89 0.90
C ILE A 164 -7.89 16.37 0.57
N PRO A 165 -8.30 16.74 -0.65
CA PRO A 165 -8.58 18.17 -0.89
C PRO A 165 -9.85 18.67 -0.23
N PHE A 166 -10.83 17.81 0.03
CA PHE A 166 -12.02 18.33 0.71
C PHE A 166 -11.67 18.76 2.13
N PHE A 167 -10.82 17.98 2.80
CA PHE A 167 -10.49 18.28 4.19
C PHE A 167 -9.45 19.38 4.30
N ASN A 168 -8.58 19.50 3.30
CA ASN A 168 -7.72 20.66 3.25
C ASN A 168 -8.54 21.94 3.11
N PHE A 169 -9.60 21.90 2.31
CA PHE A 169 -10.51 23.03 2.21
C PHE A 169 -11.16 23.35 3.56
N LEU A 170 -11.61 22.30 4.29
CA LEU A 170 -12.18 22.53 5.61
C LEU A 170 -11.15 23.15 6.55
N GLU A 171 -9.89 22.71 6.46
CA GLU A 171 -8.83 23.27 7.28
C GLU A 171 -8.55 24.72 6.93
N ARG A 172 -8.61 25.06 5.64
CA ARG A 172 -8.36 26.43 5.22
C ARG A 172 -9.54 27.37 5.47
N ARG A 173 -10.77 26.89 5.34
CA ARG A 173 -11.97 27.73 5.46
C ARG A 173 -12.96 27.05 6.40
N PRO A 174 -12.62 26.97 7.69
CA PRO A 174 -13.50 26.26 8.62
C PRO A 174 -14.93 26.79 8.64
N HIS A 175 -15.10 28.11 8.57
CA HIS A 175 -16.42 28.72 8.68
C HIS A 175 -17.27 28.54 7.42
N ASP A 176 -16.70 28.12 6.30
CA ASP A 176 -17.50 27.66 5.18
C ASP A 176 -17.92 26.20 5.31
N GLY A 177 -17.34 25.46 6.25
CA GLY A 177 -17.62 24.04 6.30
C GLY A 177 -19.06 23.71 6.57
N ASN A 178 -19.77 24.59 7.25
CA ASN A 178 -21.19 24.31 7.51
C ASN A 178 -22.02 24.35 6.23
N LEU A 179 -21.49 24.88 5.13
CA LEU A 179 -22.24 24.94 3.88
C LEU A 179 -22.26 23.62 3.11
N PHE A 180 -21.39 22.67 3.45
CA PHE A 180 -21.28 21.41 2.71
C PHE A 180 -21.53 20.24 3.64
N LYS A 181 -21.93 19.11 3.07
CA LYS A 181 -21.89 17.85 3.81
C LYS A 181 -21.51 16.72 2.87
N ILE A 182 -21.02 15.64 3.47
CA ILE A 182 -20.70 14.41 2.75
C ILE A 182 -21.95 13.56 2.71
N ALA A 183 -22.49 13.36 1.50
CA ALA A 183 -23.70 12.57 1.32
C ALA A 183 -23.41 11.08 1.25
N ASP A 184 -22.24 10.71 0.78
CA ASP A 184 -21.85 9.32 0.61
C ASP A 184 -20.34 9.25 0.46
N ARG A 185 -19.81 8.04 0.48
CA ARG A 185 -18.38 7.88 0.22
C ARG A 185 -18.14 6.46 -0.28
N MET A 186 -17.08 6.29 -1.05
CA MET A 186 -16.75 4.97 -1.55
C MET A 186 -16.53 4.03 -0.38
N LYS A 187 -16.91 2.76 -0.56
CA LYS A 187 -16.71 1.79 0.49
C LYS A 187 -15.22 1.49 0.74
N ASP A 188 -14.35 1.69 -0.25
CA ASP A 188 -12.92 1.52 -0.08
C ASP A 188 -12.17 2.79 -0.44
N ASN A 189 -10.97 2.95 0.13
CA ASN A 189 -10.06 3.97 -0.35
C ASN A 189 -9.28 3.47 -1.57
N SER A 190 -8.42 4.35 -2.10
CA SER A 190 -7.86 4.20 -3.44
C SER A 190 -6.37 4.48 -3.39
N ALA A 191 -5.56 3.55 -3.89
CA ALA A 191 -4.13 3.74 -3.84
C ALA A 191 -3.71 4.82 -4.85
N VAL A 192 -2.77 5.67 -4.43
CA VAL A 192 -2.28 6.75 -5.26
C VAL A 192 -0.78 6.58 -5.43
N ALA A 193 -0.27 6.84 -6.64
CA ALA A 193 1.12 6.56 -6.95
C ALA A 193 1.67 7.60 -7.91
N PHE A 194 3.00 7.59 -8.09
CA PHE A 194 3.61 8.31 -9.19
C PHE A 194 3.45 7.47 -10.46
N MET A 195 3.13 8.11 -11.59
CA MET A 195 2.91 7.38 -12.84
C MET A 195 3.92 7.79 -13.91
N MET A 196 4.35 6.80 -14.70
CA MET A 196 5.44 6.94 -15.65
C MET A 196 5.09 6.18 -16.92
N ARG A 197 5.82 6.50 -17.99
CA ARG A 197 5.68 5.74 -19.23
C ARG A 197 6.15 4.30 -19.00
N LYS A 198 5.52 3.37 -19.70
CA LYS A 198 5.95 1.98 -19.62
C LYS A 198 7.38 1.86 -20.14
N GLY A 199 8.17 0.98 -19.52
CA GLY A 199 9.47 0.70 -20.07
C GLY A 199 10.64 0.79 -19.11
N ASN A 200 10.88 2.00 -18.57
CA ASN A 200 12.01 2.19 -17.67
C ASN A 200 11.66 1.64 -16.29
N ASN A 201 11.86 0.33 -16.14
CA ASN A 201 11.75 -0.28 -14.84
C ASN A 201 12.78 0.26 -13.86
N LYS A 202 13.95 0.65 -14.38
CA LYS A 202 15.03 1.06 -13.50
C LYS A 202 14.63 2.25 -12.65
N LEU A 203 13.99 3.26 -13.26
CA LEU A 203 13.60 4.42 -12.48
C LEU A 203 12.47 4.08 -11.52
N THR A 204 11.54 3.21 -11.93
CA THR A 204 10.47 2.80 -11.04
C THR A 204 11.03 2.11 -9.79
N ARG A 205 11.91 1.12 -9.98
N ARG A 205 11.93 1.16 -9.98
CA ARG A 205 12.51 0.42 -8.86
CA ARG A 205 12.48 0.43 -8.83
C ARG A 205 13.25 1.37 -7.93
C ARG A 205 13.29 1.34 -7.92
N SER A 206 14.03 2.29 -8.50
CA SER A 206 14.80 3.23 -7.69
C SER A 206 13.86 4.14 -6.88
N ILE A 207 12.79 4.62 -7.51
CA ILE A 207 11.81 5.41 -6.76
C ILE A 207 11.23 4.57 -5.62
N ASN A 208 10.83 3.32 -5.91
CA ASN A 208 10.26 2.46 -4.88
C ASN A 208 11.23 2.23 -3.74
N GLU A 209 12.51 2.07 -4.07
CA GLU A 209 13.50 1.83 -3.03
C GLU A 209 13.64 3.03 -2.14
N ILE A 210 13.76 4.22 -2.74
CA ILE A 210 13.94 5.43 -1.95
C ILE A 210 12.67 5.75 -1.15
N LEU A 211 11.49 5.43 -1.68
CA LEU A 211 10.26 5.67 -0.91
C LEU A 211 10.22 4.77 0.32
N CYS A 212 10.74 3.55 0.21
CA CYS A 212 10.85 2.68 1.38
C CYS A 212 11.84 3.27 2.39
N ALA A 213 12.95 3.81 1.91
CA ALA A 213 13.90 4.46 2.81
C ALA A 213 13.32 5.73 3.43
N ILE A 214 12.52 6.48 2.65
CA ILE A 214 11.86 7.65 3.20
C ILE A 214 10.89 7.25 4.31
N HIS A 215 10.15 6.15 4.11
CA HIS A 215 9.29 5.65 5.19
C HIS A 215 10.12 5.32 6.43
N LEU A 216 11.26 4.63 6.23
CA LEU A 216 11.94 4.01 7.37
C LEU A 216 12.61 5.03 8.28
N ASP A 217 13.12 6.14 7.73
CA ASP A 217 13.83 7.08 8.57
C ASP A 217 12.93 8.19 9.11
N GLY A 218 11.62 8.09 8.95
CA GLY A 218 10.71 9.11 9.46
C GLY A 218 10.41 10.24 8.50
N THR A 219 11.05 10.28 7.32
CA THR A 219 10.81 11.39 6.41
C THR A 219 9.37 11.41 5.91
N TYR A 220 8.83 10.24 5.54
CA TYR A 220 7.44 10.18 5.12
C TYR A 220 6.52 10.80 6.15
N LYS A 221 6.63 10.36 7.40
CA LYS A 221 5.77 10.90 8.45
C LYS A 221 5.91 12.42 8.52
N LYS A 222 7.12 12.93 8.37
CA LYS A 222 7.34 14.36 8.43
C LYS A 222 6.62 15.09 7.30
N ILE A 223 6.76 14.60 6.06
CA ILE A 223 6.09 15.23 4.93
C ILE A 223 4.58 15.10 5.08
N PHE A 224 4.12 13.90 5.40
CA PHE A 224 2.69 13.63 5.62
C PHE A 224 2.10 14.60 6.63
N ASP A 225 2.77 14.77 7.79
CA ASP A 225 2.22 15.56 8.89
C ASP A 225 2.22 17.04 8.57
N ARG A 226 3.14 17.47 7.70
CA ARG A 226 3.16 18.83 7.21
C ARG A 226 1.84 19.21 6.56
N TYR A 227 1.16 18.25 5.91
CA TYR A 227 0.02 18.57 5.07
C TYR A 227 -1.28 17.91 5.49
N PHE A 228 -1.25 16.82 6.26
CA PHE A 228 -2.45 16.02 6.45
C PHE A 228 -2.74 15.79 7.93
N ASP A 229 -4.01 15.47 8.21
CA ASP A 229 -4.44 15.02 9.54
C ASP A 229 -4.48 13.50 9.52
N LYS A 230 -3.54 12.87 10.25
CA LYS A 230 -3.51 11.42 10.33
C LYS A 230 -4.83 10.84 10.79
N ASN A 231 -5.64 11.61 11.53
CA ASN A 231 -6.91 11.10 12.03
C ASN A 231 -7.97 10.99 10.93
N ILE A 232 -7.77 11.63 9.80
CA ILE A 232 -8.76 11.66 8.74
C ILE A 232 -8.22 11.01 7.47
N ILE A 233 -6.99 11.36 7.08
CA ILE A 233 -6.39 10.89 5.84
C ILE A 233 -5.67 9.57 6.08
N SER A 234 -5.92 8.58 5.22
CA SER A 234 -5.30 7.26 5.35
C SER A 234 -3.91 7.24 4.74
N SER A 235 -3.01 6.50 5.37
CA SER A 235 -1.66 6.34 4.85
C SER A 235 -1.49 4.97 4.19
N VAL A 236 -0.31 4.74 3.63
CA VAL A 236 0.01 3.45 3.04
C VAL A 236 0.82 2.71 4.10
N PRO A 237 1.01 1.40 3.99
CA PRO A 237 1.85 0.71 4.97
C PRO A 237 3.28 1.24 4.99
N GLY A 238 3.95 1.02 6.11
CA GLY A 238 5.36 1.33 6.22
C GLY A 238 6.18 0.29 5.46
N CYS A 239 7.49 0.33 5.71
CA CYS A 239 8.42 -0.58 5.07
C CYS A 239 9.13 -1.41 6.12
N SER A 240 10.12 -2.22 5.68
CA SER A 240 10.96 -2.97 6.62
C SER A 240 12.42 -2.79 6.24
N SER A 241 13.29 -2.73 7.25
CA SER A 241 14.71 -2.52 7.01
C SER A 241 15.36 -3.82 6.58
N SER B 8 1.35 -22.32 -19.79
CA SER B 8 2.36 -22.90 -18.92
C SER B 8 2.01 -22.67 -17.44
N ALA B 9 2.88 -23.07 -16.53
CA ALA B 9 2.59 -23.02 -15.11
C ALA B 9 3.14 -21.75 -14.47
N LEU B 10 2.53 -21.34 -13.36
CA LEU B 10 3.12 -20.33 -12.48
C LEU B 10 3.80 -21.06 -11.33
N ARG B 11 5.12 -20.94 -11.26
CA ARG B 11 5.92 -21.62 -10.25
C ARG B 11 6.04 -20.71 -9.03
N VAL B 12 5.53 -21.17 -7.90
CA VAL B 12 5.50 -20.38 -6.68
C VAL B 12 6.30 -21.14 -5.61
N GLY B 13 7.22 -20.45 -4.96
CA GLY B 13 7.93 -20.98 -3.81
C GLY B 13 7.25 -20.53 -2.53
N THR B 14 7.18 -21.43 -1.55
CA THR B 14 6.53 -21.16 -0.28
C THR B 14 6.95 -22.26 0.69
N ASP B 15 6.68 -22.05 1.97
CA ASP B 15 6.90 -23.04 3.01
C ASP B 15 5.54 -23.38 3.62
N GLY B 16 5.08 -24.62 3.43
CA GLY B 16 3.75 -25.01 3.87
C GLY B 16 3.54 -25.31 5.33
N ILE B 17 4.23 -24.58 6.22
CA ILE B 17 4.03 -24.75 7.65
C ILE B 17 3.90 -23.38 8.30
N TYR B 18 3.23 -22.45 7.64
CA TYR B 18 3.10 -21.09 8.13
C TYR B 18 1.65 -20.67 8.07
N PRO B 19 0.79 -21.27 8.88
CA PRO B 19 -0.58 -20.75 9.00
C PRO B 19 -0.54 -19.32 9.51
N PRO B 20 -1.41 -18.44 9.01
CA PRO B 20 -2.46 -18.77 8.04
C PRO B 20 -2.06 -18.43 6.62
N HIS B 21 -0.77 -18.18 6.40
CA HIS B 21 -0.28 -17.82 5.08
C HIS B 21 -0.29 -19.01 4.13
N SER B 22 0.34 -20.10 4.54
CA SER B 22 0.62 -21.24 3.67
C SER B 22 0.73 -22.45 4.59
N PHE B 23 -0.22 -23.37 4.47
CA PHE B 23 -0.27 -24.50 5.38
C PHE B 23 -1.15 -25.55 4.72
N HIS B 24 -1.00 -26.77 5.20
CA HIS B 24 -1.71 -27.92 4.67
C HIS B 24 -2.95 -28.18 5.52
N ALA B 25 -4.05 -28.48 4.82
CA ALA B 25 -5.32 -28.73 5.47
C ALA B 25 -5.31 -30.11 6.14
N GLN B 26 -6.38 -30.37 6.89
CA GLN B 26 -6.53 -31.61 7.63
C GLN B 26 -5.29 -31.92 8.46
N ASP B 27 -4.81 -30.89 9.15
CA ASP B 27 -3.70 -30.99 10.07
C ASP B 27 -2.43 -31.50 9.39
N GLY B 28 -2.11 -30.87 8.26
CA GLY B 28 -0.88 -31.15 7.56
C GLY B 28 -0.96 -32.26 6.55
N ARG B 29 -2.09 -32.97 6.46
CA ARG B 29 -2.23 -34.09 5.54
C ARG B 29 -2.87 -33.70 4.21
N GLY B 30 -3.56 -32.57 4.15
CA GLY B 30 -4.32 -32.19 2.98
C GLY B 30 -3.58 -31.19 2.09
N GLU B 31 -4.33 -30.60 1.19
CA GLU B 31 -3.75 -29.71 0.19
C GLU B 31 -3.28 -28.41 0.84
N LEU B 32 -2.31 -27.80 0.17
CA LEU B 32 -1.87 -26.45 0.50
C LEU B 32 -3.01 -25.45 0.46
N THR B 33 -3.01 -24.53 1.41
CA THR B 33 -4.06 -23.54 1.55
C THR B 33 -3.50 -22.39 2.37
N GLY B 34 -4.32 -21.40 2.62
CA GLY B 34 -3.90 -20.23 3.35
C GLY B 34 -4.18 -18.97 2.55
N PHE B 35 -3.96 -17.83 3.21
CA PHE B 35 -4.34 -16.58 2.58
C PHE B 35 -3.51 -16.31 1.33
N ASP B 36 -2.18 -16.36 1.45
CA ASP B 36 -1.35 -16.05 0.30
C ASP B 36 -1.45 -17.12 -0.78
N ILE B 37 -1.74 -18.35 -0.40
CA ILE B 37 -1.90 -19.44 -1.36
C ILE B 37 -3.16 -19.23 -2.20
N ASP B 38 -4.29 -18.98 -1.54
CA ASP B 38 -5.51 -18.68 -2.29
C ASP B 38 -5.29 -17.47 -3.19
N LEU B 39 -4.65 -16.42 -2.67
CA LEU B 39 -4.51 -15.19 -3.44
C LEU B 39 -3.68 -15.41 -4.69
N ILE B 40 -2.54 -16.12 -4.57
CA ILE B 40 -1.69 -16.31 -5.74
C ILE B 40 -2.33 -17.29 -6.73
N LYS B 41 -3.14 -18.22 -6.23
CA LYS B 41 -3.89 -19.09 -7.13
C LYS B 41 -4.98 -18.32 -7.86
N GLU B 42 -5.61 -17.36 -7.19
CA GLU B 42 -6.60 -16.54 -7.87
C GLU B 42 -5.93 -15.67 -8.94
N VAL B 43 -4.74 -15.14 -8.64
CA VAL B 43 -4.01 -14.35 -9.63
C VAL B 43 -3.69 -15.21 -10.84
N ALA B 44 -3.35 -16.47 -10.62
CA ALA B 44 -2.96 -17.34 -11.73
C ALA B 44 -4.16 -17.79 -12.53
N HIS B 45 -5.28 -18.06 -11.86
CA HIS B 45 -6.51 -18.36 -12.57
C HIS B 45 -6.88 -17.22 -13.52
N ARG B 46 -6.91 -15.99 -13.00
CA ARG B 46 -7.27 -14.86 -13.85
C ARG B 46 -6.22 -14.62 -14.92
N LEU B 47 -4.98 -15.01 -14.67
CA LEU B 47 -3.95 -14.96 -15.69
C LEU B 47 -4.04 -16.14 -16.66
N ASN B 48 -4.96 -17.08 -16.44
CA ASN B 48 -5.09 -18.29 -17.27
C ASN B 48 -3.88 -19.19 -17.13
N LEU B 49 -3.41 -19.39 -15.88
CA LEU B 49 -2.20 -20.13 -15.56
C LEU B 49 -2.45 -21.17 -14.49
N LYS B 50 -1.82 -22.33 -14.62
CA LYS B 50 -1.80 -23.28 -13.51
C LYS B 50 -0.69 -22.91 -12.54
N VAL B 51 -0.90 -23.25 -11.27
CA VAL B 51 0.08 -22.96 -10.23
C VAL B 51 0.82 -24.24 -9.88
N GLU B 52 2.14 -24.13 -9.79
CA GLU B 52 3.00 -25.21 -9.34
C GLU B 52 3.69 -24.70 -8.09
N PHE B 53 3.41 -25.33 -6.95
CA PHE B 53 3.98 -24.94 -5.68
C PHE B 53 5.25 -25.74 -5.40
N PHE B 54 6.32 -25.06 -5.02
CA PHE B 54 7.60 -25.70 -4.70
C PHE B 54 7.88 -25.44 -3.21
N GLU B 55 7.47 -26.38 -2.37
CA GLU B 55 7.64 -26.18 -0.94
C GLU B 55 9.11 -26.20 -0.58
N THR B 56 9.55 -25.19 0.16
CA THR B 56 10.94 -24.95 0.49
C THR B 56 11.01 -24.31 1.86
N ALA B 57 12.05 -24.65 2.62
CA ALA B 57 12.23 -24.03 3.93
C ALA B 57 12.57 -22.56 3.77
N VAL B 58 12.11 -21.75 4.74
CA VAL B 58 12.26 -20.30 4.64
C VAL B 58 13.71 -19.93 4.36
N SER B 59 14.65 -20.60 5.03
CA SER B 59 16.07 -20.29 4.82
C SER B 59 16.45 -20.37 3.34
N GLY B 60 15.74 -21.17 2.56
CA GLY B 60 16.03 -21.30 1.14
C GLY B 60 15.08 -20.64 0.17
N LEU B 61 14.07 -19.91 0.64
CA LEU B 61 13.08 -19.37 -0.28
C LEU B 61 13.72 -18.39 -1.26
N ILE B 62 14.50 -17.42 -0.75
CA ILE B 62 15.07 -16.41 -1.64
C ILE B 62 16.19 -16.98 -2.48
N THR B 63 17.04 -17.85 -1.89
CA THR B 63 18.05 -18.51 -2.70
C THR B 63 17.40 -19.40 -3.76
N GLY B 64 16.26 -20.04 -3.42
CA GLY B 64 15.53 -20.79 -4.43
C GLY B 64 15.08 -19.92 -5.59
N LEU B 65 14.59 -18.73 -5.29
CA LEU B 65 14.20 -17.81 -6.36
C LEU B 65 15.40 -17.45 -7.22
N ASP B 66 16.50 -17.04 -6.58
CA ASP B 66 17.77 -16.82 -7.27
C ASP B 66 18.14 -17.97 -8.20
N THR B 67 17.96 -19.20 -7.74
CA THR B 67 18.32 -20.40 -8.48
C THR B 67 17.32 -20.71 -9.59
N ASN B 68 16.23 -19.95 -9.67
CA ASN B 68 15.23 -20.11 -10.71
C ASN B 68 14.51 -21.45 -10.59
N ARG B 69 14.39 -21.96 -9.36
CA ARG B 69 13.54 -23.11 -9.13
C ARG B 69 12.06 -22.75 -9.18
N TYR B 70 11.74 -21.47 -9.19
CA TYR B 70 10.36 -21.01 -9.20
C TYR B 70 10.40 -19.51 -9.45
N ASP B 71 9.23 -18.93 -9.76
CA ASP B 71 9.17 -17.57 -10.28
C ASP B 71 8.62 -16.53 -9.32
N VAL B 72 7.79 -16.94 -8.35
N VAL B 72 7.80 -16.92 -8.35
CA VAL B 72 7.13 -16.02 -7.42
CA VAL B 72 7.18 -15.96 -7.43
C VAL B 72 7.33 -16.53 -6.00
C VAL B 72 7.26 -16.49 -6.01
N LEU B 73 7.58 -15.62 -5.06
CA LEU B 73 7.52 -15.92 -3.63
C LEU B 73 6.33 -15.17 -3.04
N VAL B 74 5.63 -15.80 -2.11
CA VAL B 74 4.48 -15.19 -1.47
C VAL B 74 4.88 -14.57 -0.14
N ASN B 75 4.10 -13.61 0.33
CA ASN B 75 4.20 -13.09 1.70
C ASN B 75 5.61 -12.57 2.02
N VAL B 76 6.19 -11.79 1.10
CA VAL B 76 7.53 -11.23 1.29
C VAL B 76 7.42 -9.80 1.75
N ALA B 77 8.10 -9.47 2.85
CA ALA B 77 8.16 -8.10 3.34
C ALA B 77 9.12 -7.27 2.51
N ILE B 78 8.66 -6.09 2.08
CA ILE B 78 9.46 -5.21 1.25
C ILE B 78 10.53 -4.54 2.09
N THR B 79 11.79 -4.63 1.65
CA THR B 79 12.92 -3.92 2.23
C THR B 79 13.65 -3.18 1.11
N PRO B 80 14.43 -2.15 1.44
CA PRO B 80 15.16 -1.45 0.38
C PRO B 80 16.20 -2.32 -0.30
N GLU B 81 16.82 -3.25 0.46
N GLU B 81 16.80 -3.28 0.41
CA GLU B 81 17.75 -4.20 -0.14
CA GLU B 81 17.76 -4.14 -0.26
C GLU B 81 17.04 -5.08 -1.16
C GLU B 81 17.09 -5.17 -1.14
N ARG B 82 15.87 -5.61 -0.78
CA ARG B 82 15.15 -6.53 -1.64
C ARG B 82 14.61 -5.85 -2.90
N GLN B 83 14.12 -4.61 -2.75
N GLN B 83 14.13 -4.62 -2.78
CA GLN B 83 13.68 -3.86 -3.92
CA GLN B 83 13.69 -3.96 -4.01
C GLN B 83 14.86 -3.55 -4.84
C GLN B 83 14.84 -3.42 -4.84
N LYS B 84 16.06 -3.35 -4.27
CA LYS B 84 17.23 -3.11 -5.10
C LYS B 84 17.59 -4.34 -5.92
N LYS B 85 17.31 -5.54 -5.38
CA LYS B 85 17.75 -6.80 -5.95
C LYS B 85 16.68 -7.60 -6.66
N TYR B 86 15.40 -7.26 -6.46
CA TYR B 86 14.28 -8.06 -6.94
C TYR B 86 13.15 -7.15 -7.40
N ASP B 87 12.18 -7.76 -8.06
CA ASP B 87 10.93 -7.11 -8.43
C ASP B 87 9.83 -7.46 -7.42
N PHE B 88 9.00 -6.47 -7.08
CA PHE B 88 7.90 -6.65 -6.15
C PHE B 88 6.60 -6.28 -6.85
N SER B 89 5.54 -7.04 -6.57
CA SER B 89 4.22 -6.56 -6.90
C SER B 89 3.86 -5.37 -6.01
N ILE B 90 2.72 -4.77 -6.33
CA ILE B 90 2.10 -3.81 -5.43
C ILE B 90 1.83 -4.56 -4.12
N PRO B 91 1.91 -3.90 -2.95
CA PRO B 91 1.61 -4.64 -1.70
C PRO B 91 0.17 -5.14 -1.72
N TYR B 92 -0.05 -6.31 -1.13
CA TYR B 92 -1.41 -6.82 -0.97
C TYR B 92 -1.82 -7.07 0.48
N ILE B 93 -0.92 -6.92 1.44
CA ILE B 93 -1.28 -7.00 2.85
C ILE B 93 -0.21 -6.24 3.61
N ALA B 94 -0.40 -6.05 4.91
CA ALA B 94 0.62 -5.45 5.75
C ALA B 94 0.68 -6.21 7.07
N HIS B 95 1.86 -6.32 7.66
CA HIS B 95 1.89 -6.87 9.00
C HIS B 95 2.62 -5.90 9.93
N ARG B 96 2.42 -6.12 11.22
CA ARG B 96 3.08 -5.34 12.25
C ARG B 96 3.97 -6.29 13.05
N VAL B 97 5.25 -5.96 13.16
CA VAL B 97 6.19 -6.81 13.87
C VAL B 97 6.06 -6.58 15.36
N LEU B 98 5.90 -7.66 16.12
CA LEU B 98 5.71 -7.60 17.56
C LEU B 98 6.90 -8.24 18.29
N LEU B 99 7.21 -7.69 19.46
CA LEU B 99 8.09 -8.35 20.42
C LEU B 99 7.19 -9.10 21.40
N VAL B 100 7.20 -10.42 21.32
CA VAL B 100 6.34 -11.28 22.13
C VAL B 100 7.19 -11.95 23.20
N VAL B 101 6.73 -11.88 24.46
CA VAL B 101 7.35 -12.51 25.62
C VAL B 101 6.27 -13.27 26.38
N ARG B 102 6.70 -14.15 27.28
CA ARG B 102 5.76 -14.75 28.22
C ARG B 102 5.17 -13.68 29.12
N SER B 103 3.94 -13.89 29.56
CA SER B 103 3.33 -12.89 30.45
C SER B 103 4.08 -12.76 31.77
N ASP B 104 4.93 -13.73 32.12
CA ASP B 104 5.72 -13.67 33.35
C ASP B 104 7.02 -12.90 33.21
N GLN B 105 7.41 -12.51 31.99
CA GLN B 105 8.70 -11.85 31.80
C GLN B 105 8.68 -10.45 32.42
N GLN B 106 9.81 -10.08 33.06
CA GLN B 106 9.93 -8.82 33.78
C GLN B 106 10.96 -7.85 33.21
N ASP B 107 11.93 -8.33 32.42
N ASP B 107 11.96 -8.31 32.45
CA ASP B 107 13.15 -7.63 32.06
CA ASP B 107 13.09 -7.44 32.10
C ASP B 107 13.14 -7.08 30.64
C ASP B 107 13.15 -7.10 30.62
N ILE B 108 12.08 -7.31 29.87
CA ILE B 108 12.03 -6.98 28.44
C ILE B 108 10.85 -6.06 28.18
N ARG B 109 11.15 -4.78 27.90
CA ARG B 109 10.12 -3.79 27.63
C ARG B 109 10.30 -3.12 26.28
N SER B 110 11.26 -3.56 25.47
CA SER B 110 11.56 -2.90 24.21
C SER B 110 12.48 -3.80 23.40
N PHE B 111 12.68 -3.43 22.13
CA PHE B 111 13.57 -4.20 21.27
C PHE B 111 15.02 -4.09 21.73
N LYS B 112 15.42 -2.90 22.18
CA LYS B 112 16.78 -2.72 22.67
C LYS B 112 17.07 -3.57 23.91
N ASP B 113 16.03 -4.03 24.62
CA ASP B 113 16.20 -4.91 25.79
C ASP B 113 16.60 -6.33 25.40
N LEU B 114 16.48 -6.70 24.13
CA LEU B 114 16.78 -8.07 23.71
C LEU B 114 18.28 -8.34 23.64
N THR B 115 19.11 -7.32 23.83
CA THR B 115 20.54 -7.54 23.87
C THR B 115 20.87 -8.43 25.06
N ASP B 116 21.58 -9.53 24.79
CA ASP B 116 22.00 -10.52 25.77
C ASP B 116 20.84 -11.33 26.33
N LYS B 117 19.69 -11.32 25.68
CA LYS B 117 18.61 -12.26 25.95
C LYS B 117 18.62 -13.38 24.92
N THR B 118 17.89 -14.43 25.21
CA THR B 118 17.73 -15.56 24.31
C THR B 118 16.46 -15.35 23.52
N VAL B 119 16.58 -15.30 22.20
N VAL B 119 16.58 -15.37 22.19
CA VAL B 119 15.46 -15.05 21.32
CA VAL B 119 15.51 -15.02 21.27
C VAL B 119 15.37 -16.18 20.30
C VAL B 119 15.38 -16.12 20.23
N ALA B 120 14.15 -16.58 19.98
CA ALA B 120 13.86 -17.54 18.92
C ALA B 120 13.53 -16.75 17.66
N GLN B 121 14.28 -16.98 16.58
CA GLN B 121 13.94 -16.40 15.29
C GLN B 121 14.13 -17.47 14.22
N ILE B 122 13.46 -17.29 13.10
CA ILE B 122 13.54 -18.29 12.04
C ILE B 122 14.86 -18.11 11.31
N LEU B 123 15.66 -19.19 11.23
CA LEU B 123 16.93 -19.14 10.55
C LEU B 123 16.79 -18.56 9.17
N GLY B 124 17.67 -17.62 8.83
CA GLY B 124 17.71 -17.05 7.51
C GLY B 124 16.88 -15.79 7.31
N THR B 125 16.12 -15.34 8.30
CA THR B 125 15.22 -14.21 8.12
C THR B 125 15.89 -12.89 8.52
N ASP B 126 15.32 -11.78 8.02
CA ASP B 126 15.75 -10.46 8.47
C ASP B 126 15.54 -10.29 9.97
N LEU B 127 14.48 -10.88 10.52
CA LEU B 127 14.28 -10.76 11.96
C LEU B 127 15.38 -11.49 12.73
N SER B 128 15.86 -12.61 12.20
N SER B 128 15.86 -12.61 12.20
CA SER B 128 17.00 -13.27 12.83
CA SER B 128 17.01 -13.27 12.84
C SER B 128 18.24 -12.41 12.74
C SER B 128 18.24 -12.40 12.75
N ARG B 129 18.44 -11.74 11.61
CA ARG B 129 19.59 -10.85 11.45
C ARG B 129 19.51 -9.70 12.43
N PHE B 130 18.29 -9.17 12.64
CA PHE B 130 18.10 -8.07 13.56
C PHE B 130 18.43 -8.51 14.99
N ALA B 131 17.89 -9.66 15.39
CA ALA B 131 18.26 -10.27 16.68
C ALA B 131 19.77 -10.44 16.79
N LYS B 132 20.44 -10.84 15.72
CA LYS B 132 21.90 -10.95 15.76
C LYS B 132 22.56 -9.59 15.84
N GLU B 133 21.99 -8.58 15.16
CA GLU B 133 22.52 -7.23 15.31
C GLU B 133 22.31 -6.70 16.72
N LEU B 134 21.25 -7.12 17.38
CA LEU B 134 21.02 -6.71 18.76
C LEU B 134 21.94 -7.42 19.75
N LYS B 135 22.80 -8.33 19.29
CA LYS B 135 23.62 -9.16 20.18
C LYS B 135 22.74 -9.94 21.17
N SER B 136 21.57 -10.38 20.71
CA SER B 136 20.89 -11.43 21.42
C SER B 136 21.66 -12.74 21.23
N HIS B 137 21.29 -13.75 22.01
CA HIS B 137 21.71 -15.12 21.73
C HIS B 137 20.59 -15.82 21.00
N LEU B 138 20.86 -16.22 19.77
CA LEU B 138 19.84 -16.77 18.89
C LEU B 138 19.60 -18.25 19.17
N VAL B 139 18.32 -18.61 19.19
CA VAL B 139 17.88 -19.99 19.04
C VAL B 139 17.10 -20.03 17.74
N PHE B 140 17.62 -20.72 16.74
CA PHE B 140 16.95 -20.75 15.44
C PHE B 140 15.81 -21.75 15.44
N SER B 141 14.63 -21.30 15.02
CA SER B 141 13.44 -22.13 14.87
C SER B 141 13.18 -22.38 13.38
N HIS B 142 12.32 -23.35 13.08
CA HIS B 142 12.02 -23.62 11.66
C HIS B 142 10.67 -23.06 11.21
N ASN B 143 9.88 -22.48 12.09
CA ASN B 143 8.68 -21.74 11.72
C ASN B 143 8.22 -20.93 12.93
N PHE B 144 7.14 -20.18 12.76
CA PHE B 144 6.63 -19.36 13.84
C PHE B 144 6.09 -20.22 14.99
N GLU B 145 5.49 -21.37 14.66
CA GLU B 145 4.91 -22.21 15.70
C GLU B 145 5.99 -22.63 16.68
N GLN B 146 7.11 -23.12 16.16
CA GLN B 146 8.24 -23.49 17.01
C GLN B 146 8.73 -22.28 17.80
N SER B 147 8.76 -21.10 17.16
CA SER B 147 9.23 -19.91 17.87
C SER B 147 8.42 -19.70 19.14
N LEU B 148 7.09 -19.79 19.04
CA LEU B 148 6.23 -19.61 20.20
C LEU B 148 6.31 -20.82 21.13
N GLN B 149 6.50 -22.02 20.56
CA GLN B 149 6.71 -23.20 21.39
C GLN B 149 7.96 -23.05 22.24
N LEU B 150 9.04 -22.53 21.65
CA LEU B 150 10.27 -22.35 22.41
C LEU B 150 10.10 -21.32 23.52
N LEU B 151 9.34 -20.27 23.24
CA LEU B 151 9.04 -19.27 24.26
C LEU B 151 8.21 -19.87 25.39
N LEU B 152 7.14 -20.58 25.04
CA LEU B 152 6.23 -21.13 26.03
C LEU B 152 6.93 -22.11 26.95
N SER B 153 7.84 -22.91 26.41
CA SER B 153 8.63 -23.88 27.17
C SER B 153 9.79 -23.26 27.94
N LYS B 154 9.98 -21.94 27.84
CA LYS B 154 10.98 -21.16 28.58
C LYS B 154 12.40 -21.43 28.10
N ARG B 155 12.56 -22.01 26.91
CA ARG B 155 13.89 -22.13 26.31
C ARG B 155 14.37 -20.83 25.66
N THR B 156 13.47 -19.88 25.40
CA THR B 156 13.86 -18.54 24.96
C THR B 156 13.11 -17.51 25.77
N ASP B 157 13.66 -16.30 25.82
CA ASP B 157 13.01 -15.21 26.54
C ASP B 157 11.97 -14.48 25.69
N ALA B 158 12.07 -14.55 24.36
CA ALA B 158 11.28 -13.67 23.51
C ALA B 158 11.37 -14.17 22.08
N THR B 159 10.47 -13.63 21.25
CA THR B 159 10.58 -13.78 19.81
C THR B 159 9.94 -12.57 19.15
N MET B 160 10.53 -12.14 18.03
CA MET B 160 9.99 -11.07 17.22
C MET B 160 9.18 -11.73 16.10
N ILE B 161 7.89 -11.45 16.08
CA ILE B 161 6.99 -12.17 15.18
C ILE B 161 5.96 -11.17 14.64
N PRO B 162 5.50 -11.30 13.39
CA PRO B 162 4.45 -10.40 12.89
C PRO B 162 3.12 -10.76 13.50
N ASP B 163 2.22 -9.77 13.48
CA ASP B 163 0.94 -9.94 14.15
C ASP B 163 0.12 -11.06 13.55
N ILE B 164 0.17 -11.23 12.22
CA ILE B 164 -0.66 -12.22 11.55
C ILE B 164 -0.42 -13.61 12.12
N PRO B 165 0.80 -14.17 12.05
CA PRO B 165 0.98 -15.53 12.61
C PRO B 165 0.76 -15.62 14.12
N PHE B 166 1.09 -14.57 14.87
CA PHE B 166 0.89 -14.59 16.31
C PHE B 166 -0.60 -14.69 16.66
N PHE B 167 -1.42 -13.80 16.10
CA PHE B 167 -2.85 -13.83 16.38
C PHE B 167 -3.47 -15.13 15.89
N ASN B 168 -3.00 -15.63 14.74
CA ASN B 168 -3.46 -16.94 14.27
C ASN B 168 -3.18 -18.03 15.32
N PHE B 169 -1.97 -18.02 15.89
CA PHE B 169 -1.63 -18.96 16.96
C PHE B 169 -2.64 -18.87 18.09
N LEU B 170 -2.97 -17.65 18.52
CA LEU B 170 -3.92 -17.48 19.61
C LEU B 170 -5.30 -18.00 19.23
N GLU B 171 -5.64 -17.94 17.94
CA GLU B 171 -6.93 -18.44 17.50
C GLU B 171 -6.96 -19.97 17.50
N ARG B 172 -5.87 -20.60 17.04
CA ARG B 172 -5.81 -22.05 16.93
C ARG B 172 -5.70 -22.70 18.29
N ARG B 173 -5.23 -21.97 19.31
CA ARG B 173 -5.11 -22.50 20.66
C ARG B 173 -5.23 -21.34 21.64
N PRO B 174 -6.44 -21.07 22.13
CA PRO B 174 -6.59 -19.95 23.07
C PRO B 174 -6.19 -20.27 24.50
N HIS B 175 -5.94 -21.55 24.83
CA HIS B 175 -5.42 -21.87 26.16
C HIS B 175 -3.96 -21.45 26.29
N ASP B 176 -3.15 -21.80 25.29
CA ASP B 176 -1.88 -21.14 25.07
C ASP B 176 -2.20 -19.73 24.59
N GLY B 177 -1.26 -18.83 24.77
CA GLY B 177 -1.76 -17.47 24.77
C GLY B 177 -2.60 -17.19 26.01
N ASN B 178 -2.82 -15.90 26.27
CA ASN B 178 -3.14 -15.38 27.61
C ASN B 178 -1.90 -15.59 28.48
N LEU B 179 -1.07 -16.54 28.06
CA LEU B 179 0.28 -16.83 28.52
C LEU B 179 1.36 -16.00 27.81
N PHE B 180 0.95 -15.11 26.91
CA PHE B 180 1.90 -14.32 26.13
C PHE B 180 1.63 -12.87 26.44
N LYS B 181 2.63 -12.02 26.22
CA LYS B 181 2.35 -10.60 26.19
C LYS B 181 3.25 -9.93 25.18
N ILE B 182 2.74 -8.84 24.59
CA ILE B 182 3.45 -8.04 23.61
C ILE B 182 4.22 -6.95 24.36
N ALA B 183 5.56 -7.07 24.38
CA ALA B 183 6.38 -6.11 25.10
C ALA B 183 6.65 -4.85 24.30
N ASP B 184 6.60 -4.94 22.98
CA ASP B 184 6.94 -3.84 22.12
C ASP B 184 6.40 -4.16 20.74
N ARG B 185 6.32 -3.14 19.89
CA ARG B 185 5.93 -3.33 18.51
C ARG B 185 6.58 -2.24 17.69
N MET B 186 6.86 -2.52 16.43
CA MET B 186 7.42 -1.51 15.55
C MET B 186 6.40 -0.37 15.40
N LYS B 187 6.90 0.83 15.15
CA LYS B 187 6.01 1.98 15.08
C LYS B 187 5.11 1.93 13.85
N ASP B 188 5.55 1.30 12.76
CA ASP B 188 4.78 1.22 11.53
C ASP B 188 4.48 -0.22 11.18
N ASN B 189 3.41 -0.45 10.40
CA ASN B 189 3.26 -1.77 9.83
C ASN B 189 4.14 -1.88 8.58
N SER B 190 4.10 -3.03 7.94
CA SER B 190 5.12 -3.41 6.97
C SER B 190 4.44 -3.97 5.75
N ALA B 191 4.72 -3.37 4.60
CA ALA B 191 4.12 -3.80 3.35
C ALA B 191 4.60 -5.21 2.98
N VAL B 192 3.69 -6.06 2.57
CA VAL B 192 4.02 -7.39 2.12
C VAL B 192 3.57 -7.54 0.67
N ALA B 193 4.39 -8.18 -0.17
CA ALA B 193 4.05 -8.30 -1.59
C ALA B 193 4.61 -9.60 -2.15
N PHE B 194 4.25 -9.90 -3.41
CA PHE B 194 4.84 -11.02 -4.12
C PHE B 194 6.19 -10.57 -4.65
N MET B 195 7.21 -11.42 -4.48
CA MET B 195 8.56 -11.07 -4.95
C MET B 195 9.00 -11.98 -6.10
N MET B 196 9.59 -11.37 -7.12
N MET B 196 9.63 -11.37 -7.09
CA MET B 196 10.04 -12.07 -8.31
CA MET B 196 10.00 -12.02 -8.34
C MET B 196 11.47 -11.68 -8.61
C MET B 196 11.46 -11.70 -8.63
N ARG B 197 12.12 -12.44 -9.49
N ARG B 197 12.03 -12.43 -9.60
CA ARG B 197 13.45 -12.09 -9.93
CA ARG B 197 13.35 -12.10 -10.12
C ARG B 197 13.42 -10.78 -10.71
C ARG B 197 13.35 -10.70 -10.69
N LYS B 198 14.50 -10.01 -10.55
CA LYS B 198 14.61 -8.69 -11.13
C LYS B 198 14.54 -8.76 -12.64
N GLY B 199 13.75 -7.88 -13.24
CA GLY B 199 13.60 -7.84 -14.67
C GLY B 199 12.39 -8.57 -15.20
N ASN B 200 11.71 -9.35 -14.34
CA ASN B 200 10.48 -10.05 -14.71
C ASN B 200 9.32 -9.05 -14.76
N ASN B 201 9.50 -7.98 -15.53
CA ASN B 201 8.59 -6.84 -15.46
C ASN B 201 7.21 -7.17 -15.98
N LYS B 202 7.10 -8.11 -16.91
CA LYS B 202 5.83 -8.39 -17.53
C LYS B 202 4.94 -9.25 -16.62
N LEU B 203 5.50 -10.24 -15.94
CA LEU B 203 4.75 -10.94 -14.91
C LEU B 203 4.34 -10.00 -13.80
N THR B 204 5.23 -9.08 -13.43
CA THR B 204 4.93 -8.14 -12.34
C THR B 204 3.73 -7.26 -12.67
N ARG B 205 3.72 -6.69 -13.89
N ARG B 205 3.71 -6.71 -13.89
CA ARG B 205 2.59 -5.88 -14.32
CA ARG B 205 2.59 -5.88 -14.30
C ARG B 205 1.30 -6.68 -14.33
C ARG B 205 1.29 -6.68 -14.34
N SER B 206 1.36 -7.91 -14.83
CA SER B 206 0.17 -8.76 -14.90
C SER B 206 -0.40 -9.00 -13.50
N ILE B 207 0.47 -9.37 -12.57
CA ILE B 207 0.03 -9.60 -11.20
C ILE B 207 -0.63 -8.34 -10.65
N ASN B 208 0.00 -7.19 -10.88
CA ASN B 208 -0.51 -5.93 -10.36
C ASN B 208 -1.90 -5.62 -10.92
N GLU B 209 -2.09 -5.81 -12.23
CA GLU B 209 -3.42 -5.59 -12.81
C GLU B 209 -4.44 -6.58 -12.30
N ILE B 210 -4.04 -7.85 -12.12
CA ILE B 210 -4.97 -8.84 -11.60
C ILE B 210 -5.34 -8.53 -10.16
N LEU B 211 -4.38 -8.06 -9.37
CA LEU B 211 -4.68 -7.73 -7.98
C LEU B 211 -5.60 -6.52 -7.88
N CYS B 212 -5.45 -5.55 -8.78
CA CYS B 212 -6.38 -4.44 -8.78
C CYS B 212 -7.79 -4.92 -9.09
N ALA B 213 -7.91 -5.86 -10.04
CA ALA B 213 -9.20 -6.44 -10.37
C ALA B 213 -9.80 -7.16 -9.17
N ILE B 214 -8.96 -7.95 -8.49
CA ILE B 214 -9.40 -8.71 -7.34
C ILE B 214 -9.88 -7.79 -6.22
N HIS B 215 -9.21 -6.65 -6.03
CA HIS B 215 -9.74 -5.66 -5.09
C HIS B 215 -11.11 -5.16 -5.53
N LEU B 216 -11.29 -4.93 -6.83
CA LEU B 216 -12.46 -4.20 -7.31
C LEU B 216 -13.72 -5.07 -7.29
N ASP B 217 -13.65 -6.32 -7.73
CA ASP B 217 -14.86 -7.13 -7.80
C ASP B 217 -15.17 -7.84 -6.49
N GLY B 218 -14.49 -7.50 -5.39
CA GLY B 218 -14.76 -8.08 -4.09
C GLY B 218 -14.06 -9.38 -3.76
N THR B 219 -13.23 -9.91 -4.66
CA THR B 219 -12.58 -11.18 -4.38
C THR B 219 -11.55 -11.04 -3.25
N TYR B 220 -10.84 -9.92 -3.21
CA TYR B 220 -9.87 -9.69 -2.14
C TYR B 220 -10.54 -9.82 -0.77
N LYS B 221 -11.54 -8.97 -0.51
CA LYS B 221 -12.22 -9.01 0.78
C LYS B 221 -12.69 -10.43 1.11
N LYS B 222 -13.12 -11.18 0.11
CA LYS B 222 -13.57 -12.55 0.32
C LYS B 222 -12.42 -13.44 0.79
N ILE B 223 -11.25 -13.34 0.15
CA ILE B 223 -10.08 -14.11 0.61
C ILE B 223 -9.60 -13.57 1.95
N PHE B 224 -9.59 -12.25 2.11
CA PHE B 224 -9.10 -11.64 3.34
C PHE B 224 -9.93 -12.08 4.53
N ASP B 225 -11.26 -12.01 4.40
CA ASP B 225 -12.13 -12.36 5.52
C ASP B 225 -12.10 -13.85 5.84
N ARG B 226 -11.77 -14.68 4.84
CA ARG B 226 -11.63 -16.11 5.10
C ARG B 226 -10.60 -16.39 6.18
N TYR B 227 -9.57 -15.56 6.29
CA TYR B 227 -8.44 -15.88 7.14
C TYR B 227 -8.21 -14.92 8.28
N PHE B 228 -8.61 -13.66 8.17
CA PHE B 228 -8.15 -12.62 9.06
C PHE B 228 -9.32 -11.90 9.72
N ASP B 229 -9.02 -11.27 10.86
CA ASP B 229 -9.96 -10.39 11.56
C ASP B 229 -9.68 -8.96 11.11
N LYS B 230 -10.62 -8.41 10.34
CA LYS B 230 -10.48 -7.04 9.81
C LYS B 230 -10.16 -6.03 10.90
N ASN B 231 -10.76 -6.20 12.09
CA ASN B 231 -10.52 -5.25 13.17
C ASN B 231 -9.10 -5.34 13.73
N ILE B 232 -8.34 -6.34 13.30
CA ILE B 232 -7.05 -6.64 13.88
C ILE B 232 -5.93 -6.61 12.84
N ILE B 233 -6.17 -7.17 11.66
CA ILE B 233 -5.15 -7.26 10.61
C ILE B 233 -5.31 -6.07 9.66
N SER B 234 -4.20 -5.39 9.37
CA SER B 234 -4.18 -4.26 8.44
C SER B 234 -4.22 -4.73 6.99
N SER B 235 -5.14 -4.16 6.20
CA SER B 235 -5.15 -4.37 4.76
C SER B 235 -4.48 -3.17 4.08
N VAL B 236 -4.47 -3.20 2.75
CA VAL B 236 -3.76 -2.18 1.96
C VAL B 236 -4.80 -1.38 1.19
N PRO B 237 -4.46 -0.18 0.67
CA PRO B 237 -5.45 0.60 -0.08
C PRO B 237 -6.10 -0.20 -1.20
N GLY B 238 -7.38 0.09 -1.45
CA GLY B 238 -8.08 -0.43 -2.60
C GLY B 238 -7.59 0.18 -3.90
N CYS B 239 -8.25 -0.20 -4.99
CA CYS B 239 -7.98 0.30 -6.32
C CYS B 239 -9.08 1.27 -6.74
N SER B 240 -9.08 1.61 -8.02
CA SER B 240 -10.10 2.51 -8.57
C SER B 240 -10.51 2.03 -9.94
N SER B 241 -11.82 2.05 -10.19
CA SER B 241 -12.39 1.77 -11.50
C SER B 241 -11.70 2.61 -12.56
S SO4 C . 8.01 20.54 8.69
O1 SO4 C . 8.65 21.35 9.72
O2 SO4 C . 7.20 21.40 7.83
O3 SO4 C . 9.03 19.86 7.90
O4 SO4 C . 7.17 19.52 9.31
C1 EDO D . -6.74 15.40 -10.55
O1 EDO D . -7.96 14.96 -9.94
C2 EDO D . -6.24 16.63 -9.82
O2 EDO D . -5.75 16.21 -8.53
C TRS E . 1.58 31.53 2.89
C1 TRS E . 2.04 32.98 2.79
C2 TRS E . 1.17 31.20 4.32
C3 TRS E . 2.67 30.57 2.40
N TRS E . 0.41 31.31 2.02
O1 TRS E . 3.39 33.10 3.14
O2 TRS E . -0.14 30.68 4.34
O3 TRS E . 2.03 29.58 1.63
C1 EDO F . 11.70 17.27 2.87
O1 EDO F . 10.47 17.96 2.60
C2 EDO F . 11.78 16.90 4.35
O2 EDO F . 11.43 18.05 5.15
C1 EDO G . -2.56 17.26 -8.43
O1 EDO G . -3.20 16.05 -8.85
C2 EDO G . -1.96 17.98 -9.64
O2 EDO G . -0.92 17.18 -10.23
C1 EDO H . 8.65 15.45 -28.33
O1 EDO H . 8.23 14.11 -28.64
C2 EDO H . 9.58 15.42 -27.11
O2 EDO H . 10.16 16.72 -26.93
C1 EDO I . 1.33 8.57 9.19
O1 EDO I . 2.66 8.69 8.66
C2 EDO I . 0.94 9.88 9.84
O2 EDO I . 1.54 9.98 11.14
C1 EDO J . 6.50 24.78 -12.65
O1 EDO J . 6.30 25.42 -11.39
C2 EDO J . 7.91 25.12 -13.14
O2 EDO J . 8.05 26.54 -13.15
C1 EDO K . -7.74 29.65 1.19
O1 EDO K . -8.36 30.49 0.21
C2 EDO K . -6.55 30.41 1.78
O2 EDO K . -5.91 29.59 2.76
C1 EDO L . -0.66 27.64 -12.62
O1 EDO L . 0.05 26.40 -12.63
C2 EDO L . -0.26 28.40 -11.37
O2 EDO L . -1.05 29.60 -11.33
C1 EDO M . -4.87 3.42 6.66
O1 EDO M . -6.20 2.90 6.54
C2 EDO M . -4.70 4.10 8.01
O2 EDO M . -3.74 5.16 7.91
C1 EDO N . -37.16 9.56 -16.31
O1 EDO N . -35.88 8.97 -16.62
C2 EDO N . -37.28 9.81 -14.81
O2 EDO N . -36.38 10.85 -14.41
C ACT O . -13.11 30.89 6.73
O ACT O . -14.20 30.48 6.28
OXT ACT O . -12.57 30.63 7.83
CH3 ACT O . -12.29 31.85 5.80
C1 GOL P . -12.01 10.49 5.64
O1 GOL P . -11.50 9.88 4.48
C2 GOL P . -13.57 10.65 5.50
O2 GOL P . -14.18 9.53 4.99
C3 GOL P . -14.08 11.00 6.95
O3 GOL P . -15.44 10.74 7.02
N CYS Q . -9.96 11.74 -10.54
CA CYS Q . -8.72 11.96 -11.30
C CYS Q . -8.63 10.89 -12.30
O CYS Q . -8.07 11.04 -13.38
CB CYS Q . -7.48 11.95 -10.43
SG CYS Q . -6.64 10.34 -10.36
OXT CYS Q . -9.11 9.81 -12.01
C1 EDO R . 13.73 -5.90 10.84
O1 EDO R . 12.91 -6.38 9.78
C2 EDO R . 13.29 -4.49 11.22
O2 EDO R . 14.24 -3.89 12.11
C1 EDO S . 9.94 -8.36 8.73
O1 EDO S . 9.21 -9.58 8.75
C2 EDO S . 8.95 -7.23 8.49
O2 EDO S . 9.49 -6.00 8.96
C1 EDO T . -10.28 7.68 -7.45
O1 EDO T . -11.10 6.52 -7.64
C2 EDO T . -10.49 8.65 -8.61
O2 EDO T . -10.09 9.95 -8.19
S SO4 U . -15.57 -18.57 1.63
O1 SO4 U . -15.13 -17.18 1.70
O2 SO4 U . -15.47 -19.04 0.25
O3 SO4 U . -16.95 -18.65 2.09
O4 SO4 U . -14.70 -19.41 2.46
S SO4 V . 26.34 -5.42 13.89
O1 SO4 V . 25.23 -4.60 14.39
O2 SO4 V . 26.67 -5.02 12.52
O3 SO4 V . 25.98 -6.84 13.90
O4 SO4 V . 27.51 -5.23 14.76
C1 EDO W . 8.41 -16.40 6.55
O1 EDO W . 7.14 -15.73 6.50
C2 EDO W . 9.54 -15.39 6.70
O2 EDO W . 9.66 -15.11 8.10
C ACT X . 25.64 -12.07 18.16
O ACT X . 25.29 -11.93 16.97
OXT ACT X . 24.91 -12.17 19.20
CH3 ACT X . 27.16 -12.09 18.38
C1 EDO Y . -11.00 -17.39 -4.50
O1 EDO Y . -10.40 -18.12 -3.41
C2 EDO Y . -12.21 -16.59 -4.01
O2 EDO Y . -13.09 -17.45 -3.27
C1 EDO Z . 11.84 -14.09 3.30
O1 EDO Z . 12.10 -14.90 4.45
C2 EDO Z . 10.63 -14.61 2.56
O2 EDO Z . 9.54 -13.78 2.97
C1 EDO AA . 17.97 -23.14 -3.16
O1 EDO AA . 17.38 -23.79 -4.29
C2 EDO AA . 17.30 -23.66 -1.89
O2 EDO AA . 15.90 -23.32 -1.94
C1 EDO BA . 12.48 -13.56 34.21
O1 EDO BA . 11.90 -12.28 33.92
C2 EDO BA . 13.81 -13.78 33.50
O2 EDO BA . 14.84 -12.97 34.06
C1 EDO CA . -8.31 -27.90 7.73
O1 EDO CA . -9.54 -28.61 7.57
C2 EDO CA . -7.69 -28.27 9.08
O2 EDO CA . -6.43 -27.62 9.18
C1 EDO DA . 15.40 -16.15 2.61
O1 EDO DA . 14.44 -17.08 2.10
C2 EDO DA . 15.06 -15.85 4.06
O2 EDO DA . 14.74 -14.46 4.16
C1 EDO EA . 5.16 -19.14 3.62
O1 EDO EA . 6.01 -19.19 2.46
C2 EDO EA . 4.82 -17.69 3.93
O2 EDO EA . 6.00 -17.07 4.46
C1 EDO FA . 8.94 -29.06 -3.71
O1 EDO FA . 8.61 -29.38 -5.08
C2 EDO FA . 10.44 -28.84 -3.59
O2 EDO FA . 10.73 -27.43 -3.58
C ACT GA . -0.99 -30.19 -2.81
O ACT GA . -0.69 -29.07 -2.31
OXT ACT GA . -0.25 -31.21 -2.96
CH3 ACT GA . -2.47 -30.32 -3.30
C1 GOL HA . 24.52 -16.84 19.06
O1 GOL HA . 23.54 -15.84 19.05
C2 GOL HA . 25.77 -16.23 19.75
O2 GOL HA . 25.51 -16.00 21.08
C3 GOL HA . 26.85 -17.27 19.57
O3 GOL HA . 26.60 -18.25 20.54
N CYS IA . 11.65 -11.45 8.42
CA CYS IA . 11.31 -11.90 7.07
C CYS IA . 12.59 -12.19 6.40
O CYS IA . 13.35 -11.26 6.25
CB CYS IA . 10.54 -10.82 6.31
SG CYS IA . 9.51 -11.41 4.98
OXT CYS IA . 12.90 -13.31 6.01
#